data_5FVJ
#
_entry.id   5FVJ
#
_cell.length_a   33.400
_cell.length_b   85.660
_cell.length_c   55.320
_cell.angle_alpha   90.00
_cell.angle_beta   93.21
_cell.angle_gamma   90.00
#
_symmetry.space_group_name_H-M   'P 1 21 1'
#
loop_
_entity.id
_entity.type
_entity.pdbx_description
1 polymer 'PUTATIVE ACETYLTRANSFERASE'
2 non-polymer 'ACETYL COENZYME *A'
3 water water
#
_entity_poly.entity_id   1
_entity_poly.type   'polypeptide(L)'
_entity_poly.pdbx_seq_one_letter_code
;GPGGTMGRVTAPEPLSAFHQVAEFVSGEAVLDDWLKQKGLKNQALGAARTFVVCKKDTKQVAGFYSLATGSVNHTEATGN
LRRNMPDPIPVIILARLAVDLSFHGKGLGADLLHDAVLRCYRVAENIGVRAIMVHALTEEAKNFFIHHGFKSSQTQQRTL
FLRLPQ
;
_entity_poly.pdbx_strand_id   A,B
#
# COMPACT_ATOMS: atom_id res chain seq x y z
N GLY A 1 30.42 -11.70 -2.96
CA GLY A 1 31.69 -12.30 -2.43
C GLY A 1 31.42 -13.45 -1.49
N PRO A 2 32.46 -14.06 -0.89
CA PRO A 2 32.26 -15.16 0.03
C PRO A 2 31.59 -14.80 1.34
N GLY A 3 31.67 -13.53 1.73
CA GLY A 3 31.23 -13.14 3.06
C GLY A 3 31.76 -14.02 4.17
N GLY A 4 30.91 -14.27 5.17
CA GLY A 4 31.30 -15.03 6.37
C GLY A 4 30.93 -16.51 6.41
N THR A 5 30.29 -17.03 5.34
CA THR A 5 29.82 -18.40 5.24
C THR A 5 29.55 -18.75 3.78
N MET A 6 29.76 -20.02 3.41
CA MET A 6 29.37 -20.54 2.09
C MET A 6 28.13 -21.45 2.13
N GLY A 7 27.36 -21.41 3.23
CA GLY A 7 26.03 -22.06 3.21
C GLY A 7 25.02 -21.24 2.40
N ARG A 8 23.89 -21.86 2.07
CA ARG A 8 22.84 -21.17 1.33
C ARG A 8 21.63 -20.78 2.20
N VAL A 9 20.77 -19.99 1.58
CA VAL A 9 19.48 -19.67 2.15
C VAL A 9 18.33 -20.13 1.24
N THR A 10 17.15 -20.15 1.84
CA THR A 10 15.90 -20.52 1.20
C THR A 10 15.31 -19.30 0.45
N ALA A 11 14.32 -19.56 -0.40
CA ALA A 11 13.56 -18.50 -1.05
C ALA A 11 12.76 -17.68 -0.02
N PRO A 12 12.46 -16.40 -0.32
CA PRO A 12 11.63 -15.60 0.61
C PRO A 12 10.24 -16.16 0.92
N GLU A 13 9.84 -16.05 2.19
CA GLU A 13 8.55 -16.56 2.67
C GLU A 13 8.03 -15.66 3.79
N PRO A 14 6.69 -15.64 4.00
CA PRO A 14 6.14 -14.81 5.07
C PRO A 14 6.63 -15.19 6.46
N LEU A 15 6.98 -14.17 7.29
CA LEU A 15 7.28 -14.44 8.70
C LEU A 15 6.12 -15.20 9.38
N SER A 16 6.44 -16.16 10.23
CA SER A 16 5.45 -16.94 11.00
C SER A 16 6.01 -17.34 12.36
N ALA A 17 5.15 -17.95 13.15
CA ALA A 17 5.54 -18.51 14.44
C ALA A 17 6.52 -19.67 14.35
N PHE A 18 6.70 -20.25 13.17
CA PHE A 18 7.65 -21.36 13.00
C PHE A 18 9.12 -20.87 12.86
N HIS A 19 9.32 -19.56 12.71
CA HIS A 19 10.65 -18.97 12.52
C HIS A 19 11.36 -18.62 13.81
N GLN A 20 12.65 -18.96 13.86
CA GLN A 20 13.51 -18.55 14.94
C GLN A 20 14.17 -17.21 14.57
N VAL A 21 13.98 -16.23 15.43
CA VAL A 21 14.53 -14.88 15.23
C VAL A 21 15.39 -14.35 16.37
N ALA A 22 15.34 -15.02 17.52
CA ALA A 22 15.95 -14.46 18.72
C ALA A 22 17.44 -14.18 18.62
N GLU A 23 18.16 -14.94 17.80
CA GLU A 23 19.60 -14.80 17.69
C GLU A 23 20.08 -13.91 16.51
N PHE A 24 19.12 -13.37 15.73
CA PHE A 24 19.43 -12.49 14.59
C PHE A 24 20.22 -11.23 15.01
N VAL A 25 21.32 -10.97 14.33
CA VAL A 25 22.12 -9.76 14.54
C VAL A 25 22.64 -9.19 13.20
N SER A 26 22.30 -7.93 12.92
CA SER A 26 22.57 -7.31 11.61
C SER A 26 23.64 -6.23 11.65
N GLY A 27 24.01 -5.80 12.86
CA GLY A 27 24.87 -4.63 13.03
C GLY A 27 24.10 -3.38 13.39
N GLU A 28 22.76 -3.43 13.27
CA GLU A 28 21.86 -2.35 13.70
C GLU A 28 20.85 -2.88 14.73
N ALA A 29 21.06 -2.57 16.01
CA ALA A 29 20.19 -3.13 17.07
C ALA A 29 18.71 -2.74 16.95
N VAL A 30 18.42 -1.56 16.42
CA VAL A 30 17.03 -1.14 16.21
C VAL A 30 16.28 -2.11 15.28
N LEU A 31 16.96 -2.62 14.25
CA LEU A 31 16.35 -3.58 13.32
C LEU A 31 16.24 -4.96 13.98
N ASP A 32 17.29 -5.39 14.65
CA ASP A 32 17.30 -6.70 15.33
C ASP A 32 16.15 -6.80 16.35
N ASP A 33 16.00 -5.76 17.16
CA ASP A 33 14.99 -5.72 18.18
C ASP A 33 13.57 -5.56 17.62
N TRP A 34 13.41 -4.84 16.51
CA TRP A 34 12.10 -4.78 15.88
C TRP A 34 11.66 -6.17 15.43
N LEU A 35 12.57 -6.92 14.79
CA LEU A 35 12.24 -8.24 14.30
C LEU A 35 11.75 -9.17 15.41
N LYS A 36 12.52 -9.18 16.51
CA LYS A 36 12.29 -10.08 17.65
C LYS A 36 11.06 -9.70 18.48
N GLN A 37 10.81 -8.41 18.68
CA GLN A 37 9.73 -7.94 19.55
C GLN A 37 8.43 -7.61 18.80
N LYS A 38 8.55 -7.06 17.58
CA LYS A 38 7.39 -6.51 16.87
C LYS A 38 7.02 -7.16 15.54
N GLY A 39 7.94 -7.86 14.91
CA GLY A 39 7.72 -8.44 13.59
C GLY A 39 6.41 -9.19 13.40
N LEU A 40 6.21 -10.21 14.20
CA LEU A 40 5.04 -11.05 14.06
C LEU A 40 3.78 -10.36 14.57
N LYS A 41 3.88 -9.70 15.71
CA LYS A 41 2.75 -8.89 16.20
C LYS A 41 2.21 -7.87 15.19
N ASN A 42 3.13 -7.13 14.56
CA ASN A 42 2.76 -6.06 13.62
C ASN A 42 2.14 -6.60 12.34
N GLN A 43 2.46 -7.84 12.01
CA GLN A 43 1.83 -8.51 10.91
C GLN A 43 0.33 -8.72 11.16
N ALA A 44 0.00 -9.20 12.35
CA ALA A 44 -1.40 -9.40 12.70
C ALA A 44 -2.16 -8.05 12.78
N LEU A 45 -1.51 -7.00 13.25
CA LEU A 45 -2.13 -5.65 13.36
C LEU A 45 -2.40 -4.91 12.05
N GLY A 46 -1.72 -5.31 10.98
CA GLY A 46 -1.77 -4.60 9.69
C GLY A 46 -0.87 -3.40 9.64
N ALA A 47 0.17 -3.38 10.47
CA ALA A 47 1.17 -2.32 10.44
C ALA A 47 2.30 -2.56 9.42
N ALA A 48 2.62 -3.83 9.18
CA ALA A 48 3.68 -4.21 8.22
C ALA A 48 3.61 -5.68 7.87
N ARG A 49 3.94 -6.02 6.63
CA ARG A 49 4.08 -7.43 6.19
C ARG A 49 5.57 -7.71 6.03
N THR A 50 6.06 -8.77 6.69
CA THR A 50 7.46 -9.12 6.73
C THR A 50 7.71 -10.46 6.00
N PHE A 51 8.77 -10.46 5.19
CA PHE A 51 9.21 -11.61 4.43
C PHE A 51 10.65 -11.94 4.82
N VAL A 52 10.94 -13.23 5.02
CA VAL A 52 12.24 -13.70 5.51
C VAL A 52 12.88 -14.76 4.63
N VAL A 53 14.21 -14.86 4.70
CA VAL A 53 14.95 -15.98 4.11
C VAL A 53 15.65 -16.69 5.24
N CYS A 54 15.69 -18.03 5.17
CA CYS A 54 16.25 -18.86 6.25
C CYS A 54 17.49 -19.64 5.81
N LYS A 55 18.36 -19.94 6.76
CA LYS A 55 19.48 -20.83 6.51
CA LYS A 55 19.48 -20.81 6.52
C LYS A 55 18.94 -22.14 5.98
N LYS A 56 19.56 -22.66 4.91
CA LYS A 56 19.11 -23.93 4.30
C LYS A 56 18.89 -25.08 5.32
N ASP A 57 17.78 -25.78 5.14
CA ASP A 57 17.34 -26.85 6.03
C ASP A 57 17.16 -26.46 7.50
N THR A 58 16.87 -25.17 7.73
CA THR A 58 16.45 -24.71 9.04
C THR A 58 15.29 -23.72 8.86
N LYS A 59 14.72 -23.30 9.99
CA LYS A 59 13.79 -22.18 10.04
C LYS A 59 14.41 -20.96 10.74
N GLN A 60 15.73 -20.93 10.75
CA GLN A 60 16.48 -19.84 11.34
C GLN A 60 16.61 -18.68 10.34
N VAL A 61 16.10 -17.52 10.73
CA VAL A 61 16.09 -16.35 9.84
C VAL A 61 17.49 -15.76 9.58
N ALA A 62 17.84 -15.62 8.30
CA ALA A 62 19.13 -15.03 7.85
C ALA A 62 19.00 -13.59 7.28
N GLY A 63 17.78 -13.19 6.95
CA GLY A 63 17.52 -11.85 6.40
C GLY A 63 16.04 -11.60 6.29
N PHE A 64 15.64 -10.34 6.25
CA PHE A 64 14.23 -9.97 6.11
C PHE A 64 14.02 -8.56 5.53
N TYR A 65 12.78 -8.31 5.09
CA TYR A 65 12.32 -6.98 4.76
C TYR A 65 10.84 -6.87 5.12
N SER A 66 10.35 -5.63 5.19
CA SER A 66 8.99 -5.34 5.60
C SER A 66 8.40 -4.23 4.71
N LEU A 67 7.15 -4.40 4.32
CA LEU A 67 6.41 -3.47 3.45
C LEU A 67 5.13 -2.95 4.12
N ALA A 68 4.83 -1.66 3.93
CA ALA A 68 3.58 -1.04 4.39
C ALA A 68 3.09 -0.02 3.36
N THR A 69 1.79 0.27 3.32
CA THR A 69 1.32 1.37 2.45
C THR A 69 1.72 2.74 3.02
N GLY A 70 1.76 3.75 2.17
CA GLY A 70 2.00 5.10 2.65
C GLY A 70 1.79 6.17 1.60
N SER A 71 2.19 7.39 1.90
CA SER A 71 2.15 8.51 0.93
C SER A 71 3.19 9.60 1.22
N VAL A 72 3.41 10.47 0.24
CA VAL A 72 4.36 11.57 0.38
C VAL A 72 3.75 12.86 -0.24
N ASN A 73 3.92 13.96 0.47
CA ASN A 73 3.50 15.27 -0.02
CA ASN A 73 3.48 15.26 -0.03
C ASN A 73 4.40 15.76 -1.15
N HIS A 74 3.85 16.58 -2.05
CA HIS A 74 4.59 17.10 -3.21
C HIS A 74 5.89 17.80 -2.85
N THR A 75 5.93 18.49 -1.70
CA THR A 75 7.14 19.20 -1.29
C THR A 75 8.31 18.27 -0.95
N GLU A 76 8.00 17.06 -0.50
CA GLU A 76 9.01 16.05 -0.16
C GLU A 76 9.36 15.08 -1.30
N ALA A 77 8.76 15.27 -2.49
CA ALA A 77 9.00 14.44 -3.69
C ALA A 77 10.00 15.11 -4.64
N THR A 78 10.04 14.67 -5.90
CA THR A 78 10.81 15.32 -6.95
C THR A 78 9.86 15.77 -8.05
N GLY A 79 10.33 16.62 -8.95
CA GLY A 79 9.49 17.15 -10.01
C GLY A 79 8.92 16.05 -10.88
N ASN A 80 9.75 15.09 -11.25
CA ASN A 80 9.29 14.01 -12.10
C ASN A 80 8.34 13.06 -11.36
N LEU A 81 8.58 12.85 -10.07
CA LEU A 81 7.70 11.98 -9.28
C LEU A 81 6.29 12.57 -9.13
N ARG A 82 6.19 13.88 -9.01
CA ARG A 82 4.91 14.55 -8.72
C ARG A 82 4.13 15.15 -9.91
N ARG A 83 4.75 15.25 -11.08
CA ARG A 83 4.11 15.94 -12.22
C ARG A 83 2.77 15.28 -12.61
N ASN A 84 1.71 16.09 -12.65
CA ASN A 84 0.35 15.66 -12.99
C ASN A 84 -0.27 14.64 -12.02
N MET A 85 0.28 14.57 -10.82
CA MET A 85 -0.19 13.66 -9.78
C MET A 85 -1.07 14.39 -8.77
N PRO A 86 -1.98 13.66 -8.10
CA PRO A 86 -2.62 14.19 -6.90
C PRO A 86 -1.60 14.42 -5.78
N ASP A 87 -2.02 15.18 -4.77
CA ASP A 87 -1.22 15.48 -3.60
C ASP A 87 -2.00 15.09 -2.33
N PRO A 88 -1.49 14.14 -1.52
CA PRO A 88 -0.21 13.45 -1.61
C PRO A 88 -0.16 12.33 -2.68
N ILE A 89 1.06 11.87 -2.93
CA ILE A 89 1.39 10.81 -3.89
C ILE A 89 1.34 9.44 -3.18
N PRO A 90 0.59 8.48 -3.74
CA PRO A 90 0.54 7.12 -3.17
C PRO A 90 1.85 6.35 -3.35
N VAL A 91 2.37 5.77 -2.28
CA VAL A 91 3.61 5.00 -2.33
C VAL A 91 3.47 3.68 -1.55
N ILE A 92 4.47 2.81 -1.68
CA ILE A 92 4.68 1.65 -0.76
C ILE A 92 6.00 1.94 -0.03
N ILE A 93 5.97 1.81 1.30
CA ILE A 93 7.14 2.08 2.13
C ILE A 93 7.90 0.77 2.39
N LEU A 94 9.18 0.75 2.04
CA LEU A 94 10.08 -0.30 2.45
C LEU A 94 10.57 0.09 3.84
N ALA A 95 9.85 -0.43 4.82
CA ALA A 95 9.92 0.00 6.19
C ALA A 95 11.14 -0.55 6.90
N ARG A 96 11.56 -1.77 6.57
CA ARG A 96 12.71 -2.46 7.19
CA ARG A 96 12.72 -2.45 7.19
C ARG A 96 13.41 -3.32 6.13
N LEU A 97 14.75 -3.44 6.23
CA LEU A 97 15.58 -4.35 5.42
C LEU A 97 16.90 -4.66 6.14
N ALA A 98 17.19 -5.95 6.35
CA ALA A 98 18.41 -6.34 7.11
C ALA A 98 18.85 -7.76 6.80
N VAL A 99 20.18 -7.96 6.81
CA VAL A 99 20.77 -9.28 6.65
C VAL A 99 21.63 -9.55 7.90
N ASP A 100 21.59 -10.77 8.41
CA ASP A 100 22.47 -11.21 9.51
C ASP A 100 23.95 -11.05 9.14
N LEU A 101 24.74 -10.58 10.12
CA LEU A 101 26.18 -10.30 9.93
C LEU A 101 26.93 -11.44 9.26
N SER A 102 26.58 -12.67 9.62
CA SER A 102 27.18 -13.87 8.98
C SER A 102 27.02 -14.00 7.46
N PHE A 103 26.03 -13.34 6.89
CA PHE A 103 25.71 -13.43 5.47
C PHE A 103 25.93 -12.12 4.70
N HIS A 104 26.48 -11.08 5.36
CA HIS A 104 26.85 -9.85 4.64
C HIS A 104 27.87 -10.11 3.52
N GLY A 105 27.78 -9.32 2.46
CA GLY A 105 28.73 -9.36 1.33
C GLY A 105 28.57 -10.51 0.36
N LYS A 106 27.37 -11.08 0.34
CA LYS A 106 27.07 -12.25 -0.53
C LYS A 106 26.00 -11.97 -1.55
N GLY A 107 25.58 -10.71 -1.65
CA GLY A 107 24.49 -10.35 -2.55
C GLY A 107 23.09 -10.68 -2.05
N LEU A 108 22.94 -11.02 -0.78
CA LEU A 108 21.64 -11.35 -0.22
CA LEU A 108 21.63 -11.35 -0.24
C LEU A 108 20.82 -10.09 0.02
N GLY A 109 21.50 -8.97 0.32
CA GLY A 109 20.84 -7.68 0.47
C GLY A 109 20.20 -7.27 -0.84
N ALA A 110 20.95 -7.39 -1.94
CA ALA A 110 20.38 -7.17 -3.27
C ALA A 110 19.23 -8.14 -3.60
N ASP A 111 19.40 -9.42 -3.28
CA ASP A 111 18.37 -10.43 -3.61
C ASP A 111 17.05 -10.16 -2.89
N LEU A 112 17.12 -9.76 -1.62
CA LEU A 112 15.92 -9.39 -0.84
C LEU A 112 15.21 -8.16 -1.43
N LEU A 113 15.99 -7.14 -1.77
CA LEU A 113 15.47 -5.92 -2.40
C LEU A 113 14.76 -6.24 -3.72
N HIS A 114 15.39 -7.09 -4.53
CA HIS A 114 14.76 -7.53 -5.79
C HIS A 114 13.42 -8.23 -5.57
N ASP A 115 13.31 -9.09 -4.54
CA ASP A 115 12.06 -9.76 -4.25
C ASP A 115 10.98 -8.73 -3.79
N ALA A 116 11.40 -7.79 -2.96
CA ALA A 116 10.54 -6.67 -2.52
C ALA A 116 10.01 -5.83 -3.70
N VAL A 117 10.87 -5.52 -4.65
CA VAL A 117 10.47 -4.77 -5.85
C VAL A 117 9.43 -5.51 -6.69
N LEU A 118 9.68 -6.80 -6.98
CA LEU A 118 8.71 -7.62 -7.70
C LEU A 118 7.36 -7.70 -6.99
N ARG A 119 7.40 -7.86 -5.66
CA ARG A 119 6.16 -7.93 -4.88
C ARG A 119 5.36 -6.62 -5.00
N CYS A 120 6.05 -5.47 -4.97
CA CYS A 120 5.39 -4.15 -5.17
C CYS A 120 4.75 -3.97 -6.55
N TYR A 121 5.43 -4.46 -7.59
CA TYR A 121 4.85 -4.44 -8.94
C TYR A 121 3.59 -5.29 -9.03
N ARG A 122 3.56 -6.44 -8.34
CA ARG A 122 2.34 -7.28 -8.29
C ARG A 122 1.20 -6.56 -7.58
N VAL A 123 1.47 -5.97 -6.42
CA VAL A 123 0.48 -5.17 -5.67
C VAL A 123 -0.10 -4.03 -6.52
N ALA A 124 0.77 -3.35 -7.26
CA ALA A 124 0.37 -2.21 -8.08
C ALA A 124 -0.65 -2.51 -9.20
N GLU A 125 -0.82 -3.78 -9.55
CA GLU A 125 -1.88 -4.17 -10.50
C GLU A 125 -3.29 -3.95 -9.95
N ASN A 126 -3.42 -4.00 -8.62
CA ASN A 126 -4.72 -3.88 -7.95
C ASN A 126 -4.98 -2.58 -7.23
N ILE A 127 -3.91 -1.84 -6.91
CA ILE A 127 -4.00 -0.58 -6.20
C ILE A 127 -3.02 0.46 -6.77
N GLY A 128 -3.43 1.73 -6.82
CA GLY A 128 -2.56 2.79 -7.29
C GLY A 128 -1.31 2.99 -6.45
N VAL A 129 -0.14 2.85 -7.07
CA VAL A 129 1.18 3.06 -6.41
C VAL A 129 2.10 3.75 -7.42
N ARG A 130 2.68 4.88 -7.01
CA ARG A 130 3.59 5.63 -7.89
C ARG A 130 5.08 5.18 -7.73
N ALA A 131 5.48 4.85 -6.51
CA ALA A 131 6.89 4.59 -6.18
C ALA A 131 7.03 3.80 -4.90
N ILE A 132 8.21 3.20 -4.73
CA ILE A 132 8.65 2.67 -3.43
C ILE A 132 9.45 3.78 -2.75
N MET A 133 9.18 4.03 -1.46
CA MET A 133 9.86 5.04 -0.67
C MET A 133 10.62 4.37 0.47
N VAL A 134 11.84 4.85 0.74
CA VAL A 134 12.63 4.35 1.88
C VAL A 134 13.27 5.51 2.66
N HIS A 135 13.28 5.39 3.99
CA HIS A 135 14.03 6.32 4.85
C HIS A 135 15.29 5.61 5.31
N ALA A 136 16.41 5.92 4.67
CA ALA A 136 17.71 5.31 5.02
C ALA A 136 18.17 5.67 6.44
N LEU A 137 18.55 4.64 7.20
CA LEU A 137 18.95 4.75 8.61
C LEU A 137 20.35 5.35 8.74
N THR A 138 21.23 5.02 7.80
CA THR A 138 22.63 5.48 7.79
C THR A 138 23.09 5.95 6.41
N GLU A 139 24.24 6.61 6.38
CA GLU A 139 24.92 6.95 5.13
C GLU A 139 25.23 5.70 4.30
N GLU A 140 25.68 4.63 4.95
CA GLU A 140 26.03 3.38 4.24
C GLU A 140 24.78 2.80 3.57
N ALA A 141 23.65 2.82 4.28
CA ALA A 141 22.37 2.31 3.75
C ALA A 141 21.89 3.12 2.55
N LYS A 142 21.96 4.45 2.66
CA LYS A 142 21.62 5.33 1.52
C LYS A 142 22.40 4.97 0.24
N ASN A 143 23.72 4.81 0.40
CA ASN A 143 24.55 4.46 -0.75
C ASN A 143 24.24 3.09 -1.32
N PHE A 144 23.89 2.13 -0.45
CA PHE A 144 23.39 0.84 -0.93
C PHE A 144 22.16 1.01 -1.85
N PHE A 145 21.18 1.81 -1.43
CA PHE A 145 19.95 2.01 -2.26
C PHE A 145 20.26 2.76 -3.55
N ILE A 146 21.14 3.75 -3.50
CA ILE A 146 21.53 4.50 -4.71
C ILE A 146 22.13 3.56 -5.77
N HIS A 147 22.97 2.61 -5.32
CA HIS A 147 23.57 1.63 -6.19
C HIS A 147 22.57 0.75 -6.93
N HIS A 148 21.40 0.55 -6.31
CA HIS A 148 20.29 -0.21 -6.89
C HIS A 148 19.14 0.65 -7.48
N GLY A 149 19.45 1.88 -7.90
CA GLY A 149 18.52 2.67 -8.71
C GLY A 149 17.61 3.66 -7.99
N PHE A 150 17.68 3.70 -6.66
CA PHE A 150 16.89 4.68 -5.90
C PHE A 150 17.46 6.09 -6.07
N LYS A 151 16.57 7.09 -5.99
CA LYS A 151 16.99 8.50 -6.12
C LYS A 151 16.62 9.30 -4.89
N SER A 152 17.52 10.17 -4.46
CA SER A 152 17.33 10.94 -3.24
C SER A 152 16.31 12.02 -3.48
N SER A 153 15.55 12.33 -2.44
CA SER A 153 14.78 13.55 -2.39
CA SER A 153 14.77 13.54 -2.43
C SER A 153 15.75 14.73 -2.48
N GLN A 154 15.26 15.87 -2.94
CA GLN A 154 16.11 17.08 -3.13
C GLN A 154 16.46 17.74 -1.81
N THR A 155 15.53 17.71 -0.86
CA THR A 155 15.69 18.33 0.47
C THR A 155 16.34 17.40 1.49
N GLN A 156 15.96 16.10 1.43
CA GLN A 156 16.48 15.09 2.35
CA GLN A 156 16.46 15.07 2.36
C GLN A 156 17.18 13.96 1.61
N GLN A 157 18.49 13.90 1.75
CA GLN A 157 19.28 12.93 0.99
C GLN A 157 18.94 11.49 1.42
N ARG A 158 18.55 11.29 2.68
CA ARG A 158 18.24 9.93 3.16
C ARG A 158 16.80 9.45 2.88
N THR A 159 15.95 10.31 2.35
CA THR A 159 14.66 9.85 1.84
C THR A 159 14.84 9.56 0.36
N LEU A 160 14.63 8.30 -0.06
CA LEU A 160 14.84 7.93 -1.47
C LEU A 160 13.63 7.25 -2.10
N PHE A 161 13.55 7.33 -3.44
CA PHE A 161 12.41 6.79 -4.21
C PHE A 161 12.83 5.90 -5.39
N LEU A 162 12.06 4.86 -5.63
CA LEU A 162 12.13 4.10 -6.89
C LEU A 162 10.76 4.13 -7.61
N ARG A 163 10.69 4.86 -8.72
CA ARG A 163 9.46 4.97 -9.52
C ARG A 163 9.13 3.63 -10.12
N LEU A 164 7.85 3.24 -10.10
CA LEU A 164 7.42 1.98 -10.71
C LEU A 164 6.94 2.13 -12.20
N PRO A 165 5.95 3.00 -12.50
CA PRO A 165 5.59 3.13 -13.94
C PRO A 165 6.71 3.74 -14.79
N VAL B 9 -25.77 -6.42 -14.42
CA VAL B 9 -24.39 -5.94 -14.76
C VAL B 9 -23.33 -7.06 -14.83
N THR B 10 -22.20 -6.73 -15.45
CA THR B 10 -21.06 -7.62 -15.62
C THR B 10 -20.25 -7.65 -14.35
N ALA B 11 -19.34 -8.63 -14.23
CA ALA B 11 -18.47 -8.71 -13.05
C ALA B 11 -17.47 -7.54 -13.11
N PRO B 12 -16.95 -7.09 -11.95
CA PRO B 12 -15.95 -6.02 -11.95
C PRO B 12 -14.70 -6.34 -12.77
N GLU B 13 -14.23 -5.32 -13.52
CA GLU B 13 -13.04 -5.44 -14.35
C GLU B 13 -12.28 -4.13 -14.37
N PRO B 14 -10.96 -4.20 -14.67
CA PRO B 14 -10.16 -2.97 -14.76
C PRO B 14 -10.64 -1.99 -15.85
N LEU B 15 -10.70 -0.70 -15.53
CA LEU B 15 -11.00 0.34 -16.54
C LEU B 15 -10.05 0.21 -17.74
N SER B 16 -10.56 0.37 -18.95
CA SER B 16 -9.77 0.35 -20.19
C SER B 16 -10.34 1.29 -21.23
N ALA B 17 -9.62 1.42 -22.35
CA ALA B 17 -10.09 2.19 -23.51
C ALA B 17 -11.33 1.61 -24.19
N PHE B 18 -11.67 0.37 -23.88
CA PHE B 18 -12.89 -0.27 -24.41
C PHE B 18 -14.17 0.17 -23.70
N HIS B 19 -14.05 0.88 -22.57
CA HIS B 19 -15.23 1.33 -21.81
C HIS B 19 -15.79 2.66 -22.24
N GLN B 20 -17.12 2.70 -22.38
CA GLN B 20 -17.88 3.88 -22.71
C GLN B 20 -18.22 4.60 -21.38
N VAL B 21 -17.68 5.80 -21.21
CA VAL B 21 -17.85 6.55 -19.95
C VAL B 21 -18.49 7.93 -20.10
N ALA B 22 -18.55 8.47 -21.32
CA ALA B 22 -18.93 9.87 -21.52
C ALA B 22 -20.32 10.22 -20.98
N GLU B 23 -21.22 9.25 -20.95
CA GLU B 23 -22.59 9.51 -20.50
C GLU B 23 -22.90 9.19 -19.03
N PHE B 24 -21.90 8.72 -18.28
CA PHE B 24 -22.08 8.36 -16.88
C PHE B 24 -22.51 9.56 -16.02
N VAL B 25 -23.58 9.38 -15.27
CA VAL B 25 -24.08 10.42 -14.35
C VAL B 25 -24.58 9.77 -13.07
N SER B 26 -24.00 10.19 -11.93
CA SER B 26 -24.26 9.60 -10.63
C SER B 26 -25.05 10.50 -9.69
N GLY B 27 -25.16 11.77 -10.05
CA GLY B 27 -25.71 12.79 -9.15
C GLY B 27 -24.61 13.64 -8.50
N GLU B 28 -23.35 13.21 -8.55
CA GLU B 28 -22.16 13.98 -8.07
C GLU B 28 -21.21 14.24 -9.23
N ALA B 29 -21.22 15.46 -9.75
CA ALA B 29 -20.45 15.80 -10.94
C ALA B 29 -18.95 15.64 -10.79
N VAL B 30 -18.42 15.87 -9.59
CA VAL B 30 -16.98 15.72 -9.36
C VAL B 30 -16.53 14.29 -9.65
N LEU B 31 -17.38 13.30 -9.31
CA LEU B 31 -17.08 11.90 -9.56
C LEU B 31 -17.27 11.54 -11.05
N ASP B 32 -18.37 12.00 -11.64
CA ASP B 32 -18.64 11.77 -13.06
C ASP B 32 -17.50 12.32 -13.93
N ASP B 33 -17.07 13.54 -13.62
CA ASP B 33 -16.04 14.19 -14.42
C ASP B 33 -14.66 13.54 -14.22
N TRP B 34 -14.37 13.07 -13.02
CA TRP B 34 -13.11 12.37 -12.78
C TRP B 34 -13.05 11.09 -13.63
N LEU B 35 -14.14 10.32 -13.66
CA LEU B 35 -14.16 9.10 -14.46
C LEU B 35 -13.83 9.36 -15.91
N LYS B 36 -14.53 10.34 -16.48
CA LYS B 36 -14.44 10.69 -17.92
C LYS B 36 -13.16 11.33 -18.35
N GLN B 37 -12.62 12.18 -17.50
CA GLN B 37 -11.45 13.02 -17.85
C GLN B 37 -10.13 12.49 -17.30
N LYS B 38 -10.15 11.86 -16.12
CA LYS B 38 -8.92 11.43 -15.44
C LYS B 38 -8.74 9.93 -15.17
N GLY B 39 -9.81 9.17 -15.21
CA GLY B 39 -9.77 7.74 -14.85
C GLY B 39 -8.65 6.95 -15.51
N LEU B 40 -8.62 6.98 -16.83
CA LEU B 40 -7.67 6.14 -17.55
C LEU B 40 -6.26 6.72 -17.49
N LYS B 41 -6.14 8.05 -17.60
CA LYS B 41 -4.87 8.75 -17.44
C LYS B 41 -4.18 8.46 -16.11
N ASN B 42 -4.97 8.52 -15.02
CA ASN B 42 -4.45 8.27 -13.68
C ASN B 42 -4.06 6.80 -13.44
N GLN B 43 -4.67 5.89 -14.18
CA GLN B 43 -4.25 4.50 -14.14
C GLN B 43 -2.84 4.32 -14.69
N ALA B 44 -2.53 4.96 -15.84
CA ALA B 44 -1.18 4.88 -16.40
C ALA B 44 -0.13 5.53 -15.50
N LEU B 45 -0.50 6.61 -14.81
CA LEU B 45 0.42 7.34 -13.92
C LEU B 45 0.78 6.61 -12.59
N GLY B 46 -0.01 5.64 -12.20
CA GLY B 46 0.12 5.02 -10.88
C GLY B 46 -0.50 5.85 -9.77
N ALA B 47 -1.45 6.74 -10.12
CA ALA B 47 -2.17 7.55 -9.13
C ALA B 47 -3.36 6.76 -8.51
N ALA B 48 -3.98 5.89 -9.28
CA ALA B 48 -5.16 5.14 -8.83
C ALA B 48 -5.44 3.98 -9.75
N ARG B 49 -6.02 2.93 -9.22
CA ARG B 49 -6.52 1.80 -10.03
C ARG B 49 -8.04 1.79 -9.94
N THR B 50 -8.70 1.80 -11.11
CA THR B 50 -10.15 1.91 -11.20
C THR B 50 -10.73 0.59 -11.73
N PHE B 51 -11.82 0.18 -11.11
CA PHE B 51 -12.59 -1.01 -11.49
C PHE B 51 -14.04 -0.64 -11.79
N VAL B 52 -14.58 -1.20 -12.87
CA VAL B 52 -15.91 -0.89 -13.35
C VAL B 52 -16.80 -2.11 -13.49
N VAL B 53 -18.11 -1.86 -13.43
CA VAL B 53 -19.11 -2.84 -13.85
C VAL B 53 -19.95 -2.22 -14.98
N CYS B 54 -20.33 -3.04 -15.96
CA CYS B 54 -21.04 -2.55 -17.14
C CYS B 54 -22.45 -3.11 -17.24
N LYS B 55 -23.32 -2.36 -17.90
CA LYS B 55 -24.66 -2.85 -18.25
C LYS B 55 -24.50 -4.14 -19.08
N LYS B 56 -25.27 -5.17 -18.73
CA LYS B 56 -25.18 -6.49 -19.36
C LYS B 56 -25.20 -6.42 -20.87
N ASP B 57 -24.29 -7.16 -21.49
CA ASP B 57 -24.11 -7.16 -22.94
C ASP B 57 -23.75 -5.79 -23.60
N THR B 58 -23.14 -4.89 -22.84
CA THR B 58 -22.60 -3.64 -23.36
C THR B 58 -21.25 -3.39 -22.69
N LYS B 59 -20.56 -2.36 -23.14
CA LYS B 59 -19.38 -1.82 -22.45
C LYS B 59 -19.69 -0.45 -21.81
N GLN B 60 -20.96 -0.18 -21.57
CA GLN B 60 -21.43 1.04 -20.90
C GLN B 60 -21.27 0.93 -19.37
N VAL B 61 -20.45 1.82 -18.81
CA VAL B 61 -20.13 1.74 -17.41
C VAL B 61 -21.35 2.11 -16.57
N ALA B 62 -21.72 1.20 -15.68
CA ALA B 62 -22.86 1.38 -14.77
C ALA B 62 -22.44 1.77 -13.34
N GLY B 63 -21.19 1.53 -12.98
CA GLY B 63 -20.69 1.90 -11.66
C GLY B 63 -19.18 1.67 -11.62
N PHE B 64 -18.50 2.32 -10.68
CA PHE B 64 -17.04 2.17 -10.52
C PHE B 64 -16.54 2.52 -9.13
N TYR B 65 -15.29 2.14 -8.87
CA TYR B 65 -14.56 2.56 -7.68
C TYR B 65 -13.09 2.67 -8.00
N SER B 66 -12.34 3.39 -7.16
CA SER B 66 -10.90 3.57 -7.36
CA SER B 66 -10.89 3.59 -7.35
C SER B 66 -10.15 3.41 -6.04
N LEU B 67 -8.99 2.77 -6.11
CA LEU B 67 -8.13 2.48 -4.94
C LEU B 67 -6.71 3.03 -5.12
N ALA B 68 -6.17 3.61 -4.04
CA ALA B 68 -4.78 4.09 -3.99
C ALA B 68 -4.19 3.83 -2.62
N THR B 69 -2.86 3.70 -2.54
CA THR B 69 -2.24 3.59 -1.22
C THR B 69 -2.27 4.92 -0.45
N GLY B 70 -2.15 4.88 0.88
CA GLY B 70 -2.11 6.11 1.64
C GLY B 70 -1.77 5.91 3.09
N SER B 71 -1.94 6.97 3.87
CA SER B 71 -1.73 6.89 5.31
C SER B 71 -2.48 7.97 6.06
N VAL B 72 -2.61 7.77 7.36
CA VAL B 72 -3.28 8.78 8.20
C VAL B 72 -2.46 8.98 9.49
N ASN B 73 -2.37 10.23 9.91
CA ASN B 73 -1.74 10.56 11.20
CA ASN B 73 -1.73 10.53 11.20
C ASN B 73 -2.62 10.15 12.37
N HIS B 74 -2.01 9.90 13.52
CA HIS B 74 -2.76 9.50 14.74
C HIS B 74 -3.92 10.45 15.13
N THR B 75 -3.75 11.75 14.92
CA THR B 75 -4.78 12.74 15.33
C THR B 75 -6.10 12.61 14.54
N GLU B 76 -6.00 12.23 13.26
CA GLU B 76 -7.18 12.03 12.42
CA GLU B 76 -7.17 12.04 12.39
C GLU B 76 -7.80 10.63 12.53
N ALA B 77 -7.14 9.73 13.24
CA ALA B 77 -7.60 8.35 13.40
C ALA B 77 -8.62 8.25 14.55
N THR B 78 -8.88 7.04 15.01
CA THR B 78 -9.71 6.80 16.17
C THR B 78 -8.82 6.18 17.24
N GLY B 79 -9.32 6.17 18.46
CA GLY B 79 -8.58 5.60 19.57
C GLY B 79 -8.24 4.12 19.36
N ASN B 80 -9.19 3.35 18.84
CA ASN B 80 -8.94 1.93 18.59
C ASN B 80 -8.01 1.69 17.40
N LEU B 81 -8.18 2.50 16.37
CA LEU B 81 -7.40 2.32 15.14
C LEU B 81 -5.92 2.57 15.37
N ARG B 82 -5.60 3.49 16.27
CA ARG B 82 -4.20 3.88 16.47
C ARG B 82 -3.50 3.07 17.56
N ARG B 83 -4.27 2.25 18.27
CA ARG B 83 -3.76 1.42 19.39
C ARG B 83 -2.57 0.49 19.04
N ASN B 84 -1.48 0.70 19.76
CA ASN B 84 -0.23 -0.05 19.55
C ASN B 84 0.34 0.05 18.13
N MET B 85 -0.02 1.09 17.39
CA MET B 85 0.41 1.29 16.00
C MET B 85 1.51 2.34 15.82
N PRO B 86 2.32 2.21 14.74
CA PRO B 86 3.19 3.32 14.34
C PRO B 86 2.39 4.54 13.86
N ASP B 87 3.08 5.69 13.77
CA ASP B 87 2.51 6.95 13.25
C ASP B 87 3.36 7.41 12.07
N PRO B 88 2.76 7.58 10.87
CA PRO B 88 1.35 7.41 10.53
C PRO B 88 0.95 5.94 10.36
N ILE B 89 -0.36 5.76 10.26
CA ILE B 89 -1.02 4.45 10.09
C ILE B 89 -1.17 4.13 8.59
N PRO B 90 -0.69 2.95 8.14
CA PRO B 90 -0.88 2.54 6.73
C PRO B 90 -2.34 2.20 6.39
N VAL B 91 -2.88 2.80 5.32
CA VAL B 91 -4.25 2.55 4.89
C VAL B 91 -4.33 2.36 3.37
N ILE B 92 -5.49 1.95 2.89
CA ILE B 92 -5.82 2.01 1.47
C ILE B 92 -6.94 3.01 1.35
N ILE B 93 -6.79 3.97 0.43
CA ILE B 93 -7.81 4.98 0.20
C ILE B 93 -8.79 4.50 -0.85
N LEU B 94 -10.07 4.46 -0.46
CA LEU B 94 -11.17 4.23 -1.38
C LEU B 94 -11.55 5.63 -1.81
N ALA B 95 -10.87 6.03 -2.89
CA ALA B 95 -10.82 7.39 -3.35
C ALA B 95 -12.13 7.83 -3.98
N ARG B 96 -12.83 6.90 -4.65
CA ARG B 96 -14.07 7.21 -5.40
C ARG B 96 -14.92 5.96 -5.47
N LEU B 97 -16.23 6.17 -5.43
CA LEU B 97 -17.27 5.12 -5.58
C LEU B 97 -18.60 5.75 -6.05
N ALA B 98 -19.14 5.26 -7.15
CA ALA B 98 -20.36 5.86 -7.73
C ALA B 98 -21.10 4.85 -8.60
N VAL B 99 -22.43 4.96 -8.60
CA VAL B 99 -23.32 4.17 -9.46
C VAL B 99 -24.13 5.16 -10.32
N ASP B 100 -24.30 4.85 -11.61
CA ASP B 100 -25.15 5.67 -12.50
C ASP B 100 -26.61 5.76 -11.95
N LEU B 101 -27.19 6.95 -12.04
CA LEU B 101 -28.57 7.21 -11.58
C LEU B 101 -29.60 6.16 -12.08
N SER B 102 -29.45 5.71 -13.32
CA SER B 102 -30.31 4.65 -13.88
C SER B 102 -30.26 3.30 -13.16
N PHE B 103 -29.23 3.06 -12.32
CA PHE B 103 -29.06 1.79 -11.59
C PHE B 103 -29.12 1.91 -10.06
N HIS B 104 -29.41 3.11 -9.53
CA HIS B 104 -29.56 3.31 -8.08
C HIS B 104 -30.68 2.45 -7.49
N GLY B 105 -30.48 2.01 -6.25
CA GLY B 105 -31.48 1.23 -5.50
C GLY B 105 -31.61 -0.24 -5.90
N LYS B 106 -30.55 -0.80 -6.50
CA LYS B 106 -30.54 -2.20 -6.95
C LYS B 106 -29.44 -3.00 -6.24
N GLY B 107 -28.82 -2.42 -5.22
CA GLY B 107 -27.73 -3.06 -4.46
C GLY B 107 -26.37 -3.04 -5.12
N LEU B 108 -26.20 -2.27 -6.20
CA LEU B 108 -24.95 -2.23 -6.93
CA LEU B 108 -24.93 -2.25 -6.93
C LEU B 108 -23.89 -1.45 -6.13
N GLY B 109 -24.33 -0.47 -5.36
CA GLY B 109 -23.41 0.31 -4.50
C GLY B 109 -22.79 -0.59 -3.44
N ALA B 110 -23.65 -1.37 -2.77
CA ALA B 110 -23.15 -2.39 -1.83
C ALA B 110 -22.24 -3.46 -2.50
N ASP B 111 -22.62 -3.92 -3.69
CA ASP B 111 -21.82 -4.93 -4.41
C ASP B 111 -20.44 -4.42 -4.79
N LEU B 112 -20.36 -3.16 -5.22
CA LEU B 112 -19.06 -2.56 -5.59
C LEU B 112 -18.16 -2.41 -4.34
N LEU B 113 -18.74 -1.95 -3.24
CA LEU B 113 -18.01 -1.82 -1.98
C LEU B 113 -17.45 -3.18 -1.49
N HIS B 114 -18.28 -4.21 -1.55
CA HIS B 114 -17.85 -5.57 -1.24
C HIS B 114 -16.69 -6.04 -2.10
N ASP B 115 -16.74 -5.75 -3.41
CA ASP B 115 -15.62 -6.14 -4.30
C ASP B 115 -14.31 -5.41 -3.88
N ALA B 116 -14.46 -4.12 -3.59
CA ALA B 116 -13.34 -3.30 -3.14
C ALA B 116 -12.74 -3.88 -1.85
N VAL B 117 -13.60 -4.24 -0.91
CA VAL B 117 -13.13 -4.82 0.36
C VAL B 117 -12.30 -6.09 0.17
N LEU B 118 -12.83 -7.02 -0.64
CA LEU B 118 -12.13 -8.23 -0.95
C LEU B 118 -10.78 -7.97 -1.63
N ARG B 119 -10.75 -7.04 -2.59
CA ARG B 119 -9.51 -6.69 -3.24
C ARG B 119 -8.48 -6.13 -2.27
N CYS B 120 -8.92 -5.30 -1.30
CA CYS B 120 -8.04 -4.78 -0.23
C CYS B 120 -7.49 -5.88 0.68
N TYR B 121 -8.33 -6.84 1.04
CA TYR B 121 -7.86 -8.03 1.79
C TYR B 121 -6.78 -8.80 1.06
N ARG B 122 -6.90 -8.93 -0.27
CA ARG B 122 -5.86 -9.59 -1.06
C ARG B 122 -4.57 -8.79 -1.09
N VAL B 123 -4.66 -7.50 -1.32
CA VAL B 123 -3.48 -6.60 -1.28
C VAL B 123 -2.77 -6.71 0.08
N ALA B 124 -3.56 -6.73 1.16
CA ALA B 124 -3.06 -6.82 2.53
C ALA B 124 -2.27 -8.11 2.89
N GLU B 125 -2.38 -9.15 2.07
CA GLU B 125 -1.54 -10.35 2.23
CA GLU B 125 -1.53 -10.35 2.25
C GLU B 125 -0.05 -10.08 1.92
N ASN B 126 0.23 -9.11 1.05
CA ASN B 126 1.59 -8.78 0.62
C ASN B 126 2.16 -7.48 1.20
N ILE B 127 1.29 -6.56 1.64
CA ILE B 127 1.71 -5.28 2.21
CA ILE B 127 1.68 -5.25 2.18
C ILE B 127 0.90 -4.93 3.47
N GLY B 128 1.55 -4.29 4.44
CA GLY B 128 0.85 -3.83 5.67
C GLY B 128 -0.26 -2.82 5.38
N VAL B 129 -1.48 -3.16 5.80
CA VAL B 129 -2.67 -2.26 5.69
C VAL B 129 -3.54 -2.43 6.95
N ARG B 130 -3.81 -1.32 7.64
CA ARG B 130 -4.65 -1.35 8.88
C ARG B 130 -6.14 -1.19 8.58
N ALA B 131 -6.47 -0.36 7.60
CA ALA B 131 -7.86 0.00 7.32
C ALA B 131 -8.06 0.52 5.91
N ILE B 132 -9.34 0.55 5.49
CA ILE B 132 -9.78 1.31 4.31
C ILE B 132 -10.22 2.70 4.82
N MET B 133 -9.77 3.76 4.16
CA MET B 133 -10.13 5.17 4.52
C MET B 133 -10.92 5.80 3.40
N VAL B 134 -11.98 6.53 3.77
CA VAL B 134 -12.81 7.23 2.80
C VAL B 134 -13.09 8.66 3.26
N HIS B 135 -13.11 9.60 2.32
CA HIS B 135 -13.56 10.96 2.59
C HIS B 135 -14.93 11.18 1.97
N ALA B 136 -15.96 11.12 2.80
CA ALA B 136 -17.35 11.31 2.37
C ALA B 136 -17.60 12.72 1.84
N LEU B 137 -18.17 12.79 0.66
CA LEU B 137 -18.40 14.03 -0.03
C LEU B 137 -19.64 14.77 0.50
N THR B 138 -20.61 14.00 1.00
CA THR B 138 -21.87 14.52 1.56
C THR B 138 -22.30 13.75 2.81
N GLU B 139 -23.28 14.30 3.51
CA GLU B 139 -23.88 13.62 4.65
C GLU B 139 -24.54 12.28 4.22
N GLU B 140 -25.18 12.27 3.06
CA GLU B 140 -25.82 11.04 2.55
C GLU B 140 -24.78 9.94 2.29
N ALA B 141 -23.66 10.35 1.74
CA ALA B 141 -22.55 9.40 1.48
C ALA B 141 -22.00 8.82 2.78
N LYS B 142 -21.79 9.70 3.78
CA LYS B 142 -21.30 9.26 5.10
C LYS B 142 -22.22 8.18 5.67
N ASN B 143 -23.54 8.41 5.56
CA ASN B 143 -24.51 7.46 6.11
C ASN B 143 -24.51 6.11 5.38
N PHE B 144 -24.29 6.14 4.06
CA PHE B 144 -24.11 4.91 3.29
C PHE B 144 -22.92 4.08 3.83
N PHE B 145 -21.79 4.73 4.11
CA PHE B 145 -20.64 4.00 4.64
C PHE B 145 -20.86 3.50 6.08
N ILE B 146 -21.50 4.30 6.90
CA ILE B 146 -21.81 3.89 8.27
C ILE B 146 -22.67 2.62 8.26
N HIS B 147 -23.66 2.57 7.38
CA HIS B 147 -24.53 1.41 7.23
C HIS B 147 -23.79 0.10 6.94
N HIS B 148 -22.63 0.22 6.29
CA HIS B 148 -21.81 -0.91 5.93
C HIS B 148 -20.59 -1.14 6.84
N GLY B 149 -20.59 -0.56 8.03
CA GLY B 149 -19.61 -0.85 9.09
C GLY B 149 -18.47 0.13 9.27
N PHE B 150 -18.42 1.19 8.47
CA PHE B 150 -17.39 2.23 8.66
C PHE B 150 -17.63 3.06 9.94
N LYS B 151 -16.56 3.56 10.55
CA LYS B 151 -16.59 4.41 11.73
C LYS B 151 -15.96 5.75 11.48
N SER B 152 -16.56 6.81 12.01
CA SER B 152 -16.09 8.17 11.78
CA SER B 152 -16.07 8.14 11.76
C SER B 152 -14.84 8.49 12.56
N SER B 153 -14.01 9.36 11.99
CA SER B 153 -12.96 10.02 12.74
C SER B 153 -13.58 10.85 13.87
N GLN B 154 -12.78 11.11 14.92
CA GLN B 154 -13.17 12.00 16.04
C GLN B 154 -13.11 13.49 15.67
N THR B 155 -12.16 13.87 14.81
CA THR B 155 -11.96 15.28 14.44
C THR B 155 -12.68 15.69 13.14
N GLN B 156 -12.68 14.82 12.13
CA GLN B 156 -13.40 15.04 10.84
C GLN B 156 -14.51 13.98 10.66
N GLN B 157 -15.78 14.38 10.82
CA GLN B 157 -16.91 13.41 10.83
C GLN B 157 -17.14 12.69 9.47
N ARG B 158 -16.69 13.35 8.41
CA ARG B 158 -16.70 12.78 7.05
C ARG B 158 -15.44 12.00 6.60
N THR B 159 -14.41 11.91 7.44
CA THR B 159 -13.38 10.89 7.24
C THR B 159 -13.83 9.66 7.99
N LEU B 160 -14.01 8.52 7.30
CA LEU B 160 -14.38 7.25 7.96
C LEU B 160 -13.39 6.11 7.68
N PHE B 161 -13.38 5.11 8.57
CA PHE B 161 -12.46 3.98 8.48
C PHE B 161 -13.17 2.62 8.62
N LEU B 162 -12.71 1.64 7.86
CA LEU B 162 -13.09 0.24 8.06
C LEU B 162 -11.83 -0.58 8.38
N ARG B 163 -11.68 -0.96 9.66
CA ARG B 163 -10.57 -1.80 10.06
C ARG B 163 -10.62 -3.15 9.34
N LEU B 164 -9.48 -3.64 8.84
CA LEU B 164 -9.42 -4.94 8.20
C LEU B 164 -8.91 -5.95 9.24
N PRO B 165 -9.79 -6.66 9.96
CA PRO B 165 -9.22 -7.68 10.87
C PRO B 165 -8.41 -8.78 10.12
N GLN B 166 -7.24 -9.10 10.67
CA GLN B 166 -6.29 -10.06 10.05
C GLN B 166 -5.73 -11.01 11.11
#